data_7BRF
#
_entry.id   7BRF
#
_cell.length_a   73.330
_cell.length_b   81.060
_cell.length_c   88.760
_cell.angle_alpha   90.000
_cell.angle_beta   103.020
_cell.angle_gamma   90.000
#
_symmetry.space_group_name_H-M   'C 1 2 1'
#
loop_
_entity.id
_entity.type
_entity.pdbx_description
1 polymer 'Alpha-glucosidase, putative'
2 non-polymer '1,4-DIHYDRONICOTINAMIDE ADENINE DINUCLEOTIDE'
3 water water
#
_entity_poly.entity_id   1
_entity_poly.type   'polypeptide(L)'
_entity_poly.pdbx_seq_one_letter_code
;MGSDKIHHHHHHMKISIIGAGSVRFALQLVGDIAQTEELSREDTHIYMMDVHERRLNASYILARKYVEELNSPVKIVKTS
SLDEAIDGADFIINTAYPYDPRYHDSGSQRWDEVTKVGEKHGYYRGIDSQELNMVSTYTYVLSSYPDMKLALEIAEKMKK
MAPKAYLMQTANPVFEITQAVRRWTGANIVGF(CSO)HGVAGVYEVFEKLDLDPEEVDWQVAGVNHGIWLNRFRYRGEDA
YPLLDEWIEKKLPEWEPKNPWDTQMSPAAMDMYKFYGMLPIGDTVRNGSWKYHYNLETKKKWFGKFGGIDNEVERPKFHE
QLRRARERLIKLAEEVQQNPGMKLTEEHPEIFPKGKLSGEQHIPFINAIANNKRVRLFLNVENQGTLKDFPDDVVMELPV
WVDCCGIHREKVEPDLTHRIKIFYLWPRILRMEWNLEAYISRDRKVLEEILIRDPRTKSYEQIVQVLDEIFNLPFNEELR
RYYKEKL
;
_entity_poly.pdbx_strand_id   A
#
loop_
_chem_comp.id
_chem_comp.type
_chem_comp.name
_chem_comp.formula
NAI non-polymer '1,4-DIHYDRONICOTINAMIDE ADENINE DINUCLEOTIDE' 'C21 H29 N7 O14 P2'
#
# COMPACT_ATOMS: atom_id res chain seq x y z
N HIS A 12 -15.21 18.99 -17.33
CA HIS A 12 -13.77 18.65 -17.43
C HIS A 12 -13.45 17.35 -16.68
N MET A 13 -12.22 16.88 -16.86
CA MET A 13 -11.72 15.69 -16.17
C MET A 13 -10.93 16.15 -14.94
N LYS A 14 -11.48 15.92 -13.76
CA LYS A 14 -10.89 16.37 -12.50
C LYS A 14 -10.32 15.17 -11.76
N ILE A 15 -9.00 15.12 -11.64
CA ILE A 15 -8.29 14.09 -10.90
C ILE A 15 -7.65 14.77 -9.69
N SER A 16 -8.11 14.40 -8.50
CA SER A 16 -7.66 15.04 -7.26
C SER A 16 -6.74 14.08 -6.50
N ILE A 17 -5.58 14.58 -6.10
CA ILE A 17 -4.60 13.83 -5.33
C ILE A 17 -4.62 14.37 -3.90
N ILE A 18 -5.18 13.59 -2.99
CA ILE A 18 -5.25 13.96 -1.58
C ILE A 18 -3.98 13.48 -0.90
N GLY A 19 -3.21 14.42 -0.36
CA GLY A 19 -1.90 14.11 0.19
C GLY A 19 -0.81 14.23 -0.85
N ALA A 20 -0.95 15.23 -1.73
CA ALA A 20 -0.03 15.40 -2.84
C ALA A 20 1.37 15.82 -2.42
N GLY A 21 1.58 16.11 -1.14
CA GLY A 21 2.93 16.30 -0.63
C GLY A 21 3.80 15.06 -0.70
N SER A 22 3.18 13.89 -0.87
CA SER A 22 3.92 12.67 -1.21
C SER A 22 4.50 12.88 -2.60
N VAL A 23 5.58 13.64 -2.65
CA VAL A 23 5.99 14.29 -3.90
C VAL A 23 6.38 13.25 -4.95
N ARG A 24 7.30 12.35 -4.61
CA ARG A 24 7.76 11.37 -5.58
C ARG A 24 6.60 10.55 -6.13
N PHE A 25 5.58 10.28 -5.31
CA PHE A 25 4.40 9.57 -5.79
C PHE A 25 3.47 10.50 -6.55
N ALA A 26 3.36 11.75 -6.12
CA ALA A 26 2.58 12.73 -6.87
C ALA A 26 3.16 12.93 -8.26
N LEU A 27 4.47 13.11 -8.35
CA LEU A 27 5.12 13.31 -9.65
C LEU A 27 4.96 12.09 -10.53
N GLN A 28 5.02 10.89 -9.94
CA GLN A 28 4.72 9.68 -10.68
C GLN A 28 3.33 9.77 -11.30
N LEU A 29 2.32 10.10 -10.49
CA LEU A 29 0.97 10.24 -11.00
C LEU A 29 0.89 11.30 -12.09
N VAL A 30 1.49 12.47 -11.84
CA VAL A 30 1.48 13.54 -12.83
C VAL A 30 2.21 13.09 -14.10
N GLY A 31 3.41 12.56 -13.95
CA GLY A 31 4.16 12.11 -15.12
C GLY A 31 3.40 11.12 -15.96
N ASP A 32 2.72 10.16 -15.32
CA ASP A 32 1.95 9.18 -16.06
C ASP A 32 0.76 9.83 -16.78
N ILE A 33 0.08 10.76 -16.12
CA ILE A 33 -1.04 11.44 -16.75
C ILE A 33 -0.57 12.26 -17.95
N ALA A 34 0.57 12.95 -17.80
CA ALA A 34 1.09 13.75 -18.90
C ALA A 34 1.56 12.89 -20.07
N GLN A 35 2.05 11.68 -19.79
CA GLN A 35 2.51 10.77 -20.82
C GLN A 35 1.43 9.80 -21.28
N THR A 36 0.17 10.03 -20.91
CA THR A 36 -0.95 9.23 -21.37
C THR A 36 -1.71 10.04 -22.42
N GLU A 37 -1.77 9.52 -23.65
CA GLU A 37 -2.30 10.30 -24.76
C GLU A 37 -3.72 10.77 -24.49
N GLU A 38 -4.59 9.86 -24.03
CA GLU A 38 -6.00 10.20 -23.88
C GLU A 38 -6.25 11.15 -22.72
N LEU A 39 -5.35 11.21 -21.74
CA LEU A 39 -5.54 12.07 -20.58
C LEU A 39 -4.77 13.38 -20.66
N SER A 40 -3.69 13.42 -21.44
CA SER A 40 -2.87 14.63 -21.56
C SER A 40 -3.62 15.63 -22.43
N ARG A 41 -4.62 16.27 -21.84
CA ARG A 41 -5.49 17.20 -22.54
C ARG A 41 -5.71 18.45 -21.68
N GLU A 42 -6.01 19.56 -22.35
CA GLU A 42 -6.36 20.77 -21.64
C GLU A 42 -7.60 20.60 -20.79
N ASP A 43 -8.44 19.61 -21.10
CA ASP A 43 -9.64 19.34 -20.31
C ASP A 43 -9.37 18.50 -19.07
N THR A 44 -8.12 18.14 -18.81
CA THR A 44 -7.75 17.36 -17.63
C THR A 44 -7.17 18.29 -16.57
N HIS A 45 -7.84 18.37 -15.43
CA HIS A 45 -7.40 19.20 -14.31
C HIS A 45 -6.91 18.29 -13.20
N ILE A 46 -5.64 18.44 -12.82
CA ILE A 46 -5.07 17.69 -11.70
C ILE A 46 -5.07 18.60 -10.48
N TYR A 47 -5.82 18.23 -9.45
CA TYR A 47 -5.90 18.98 -8.21
C TYR A 47 -4.97 18.34 -7.19
N MET A 48 -4.01 19.12 -6.70
CA MET A 48 -3.06 18.66 -5.70
C MET A 48 -3.42 19.28 -4.36
N MET A 49 -3.77 18.43 -3.39
CA MET A 49 -4.27 18.89 -2.11
C MET A 49 -3.48 18.24 -1.00
N ASP A 50 -3.12 19.03 0.02
CA ASP A 50 -2.31 18.56 1.13
C ASP A 50 -2.42 19.59 2.26
N VAL A 51 -2.18 19.12 3.48
CA VAL A 51 -2.25 20.01 4.65
C VAL A 51 -0.91 20.66 4.97
N HIS A 52 0.19 20.20 4.37
CA HIS A 52 1.51 20.75 4.62
C HIS A 52 1.82 21.76 3.52
N GLU A 53 1.88 23.04 3.88
CA GLU A 53 2.06 24.09 2.89
C GLU A 53 3.38 23.95 2.16
N ARG A 54 4.47 23.70 2.90
CA ARG A 54 5.78 23.59 2.28
C ARG A 54 5.81 22.45 1.26
N ARG A 55 5.38 21.26 1.67
CA ARG A 55 5.38 20.12 0.75
C ARG A 55 4.42 20.35 -0.42
N LEU A 56 3.22 20.86 -0.13
CA LEU A 56 2.25 21.12 -1.19
C LEU A 56 2.85 22.03 -2.26
N ASN A 57 3.34 23.19 -1.85
CA ASN A 57 3.92 24.12 -2.82
C ASN A 57 5.06 23.48 -3.60
N ALA A 58 5.98 22.81 -2.89
CA ALA A 58 7.10 22.16 -3.57
C ALA A 58 6.61 21.19 -4.63
N SER A 59 5.61 20.36 -4.28
CA SER A 59 5.06 19.43 -5.26
C SER A 59 4.42 20.16 -6.43
N TYR A 60 3.70 21.24 -6.13
CA TYR A 60 3.01 21.99 -7.19
C TYR A 60 4.01 22.61 -8.16
N ILE A 61 5.09 23.19 -7.64
CA ILE A 61 6.09 23.82 -8.50
C ILE A 61 6.78 22.77 -9.35
N LEU A 62 7.23 21.67 -8.72
CA LEU A 62 7.88 20.61 -9.48
C LEU A 62 6.93 19.96 -10.48
N ALA A 63 5.65 19.87 -10.12
CA ALA A 63 4.68 19.26 -11.02
C ALA A 63 4.49 20.09 -12.29
N ARG A 64 4.31 21.40 -12.14
CA ARG A 64 4.10 22.26 -13.31
C ARG A 64 5.35 22.30 -14.18
N LYS A 65 6.53 22.49 -13.58
CA LYS A 65 7.76 22.45 -14.34
C LYS A 65 7.92 21.12 -15.07
N TYR A 66 7.54 20.02 -14.40
CA TYR A 66 7.62 18.70 -15.03
C TYR A 66 6.68 18.60 -16.22
N VAL A 67 5.44 19.06 -16.05
CA VAL A 67 4.46 19.00 -17.13
C VAL A 67 4.93 19.81 -18.33
N GLU A 68 5.46 21.01 -18.08
CA GLU A 68 5.91 21.87 -19.17
C GLU A 68 7.00 21.17 -19.99
N GLU A 69 7.97 20.56 -19.32
CA GLU A 69 9.04 19.87 -20.04
C GLU A 69 8.50 18.68 -20.84
N LEU A 70 7.44 18.04 -20.36
CA LEU A 70 6.79 16.99 -21.12
C LEU A 70 5.89 17.51 -22.22
N ASN A 71 5.71 18.83 -22.31
CA ASN A 71 4.88 19.45 -23.35
C ASN A 71 3.44 18.90 -23.29
N SER A 72 2.88 18.92 -22.08
CA SER A 72 1.51 18.45 -21.87
C SER A 72 0.61 19.62 -21.46
N PRO A 73 -0.61 19.70 -21.98
CA PRO A 73 -1.49 20.84 -21.66
C PRO A 73 -2.33 20.70 -20.41
N VAL A 74 -2.12 19.65 -19.61
CA VAL A 74 -2.90 19.50 -18.38
C VAL A 74 -2.56 20.65 -17.43
N LYS A 75 -3.58 21.15 -16.74
CA LYS A 75 -3.40 22.23 -15.78
C LYS A 75 -3.36 21.67 -14.37
N ILE A 76 -2.43 22.19 -13.58
CA ILE A 76 -2.25 21.78 -12.19
C ILE A 76 -2.84 22.85 -11.28
N VAL A 77 -3.63 22.41 -10.30
CA VAL A 77 -4.23 23.30 -9.32
C VAL A 77 -3.87 22.78 -7.93
N LYS A 78 -3.35 23.66 -7.08
CA LYS A 78 -3.07 23.31 -5.70
C LYS A 78 -4.10 23.95 -4.79
N THR A 79 -4.46 23.25 -3.72
CA THR A 79 -5.45 23.75 -2.78
C THR A 79 -5.18 23.12 -1.42
N SER A 80 -5.48 23.88 -0.37
CA SER A 80 -5.42 23.37 1.00
C SER A 80 -6.81 22.99 1.51
N SER A 81 -7.82 22.99 0.64
CA SER A 81 -9.19 22.67 1.02
C SER A 81 -9.52 21.28 0.49
N LEU A 82 -9.78 20.35 1.41
CA LEU A 82 -10.19 19.01 1.01
C LEU A 82 -11.51 19.07 0.24
N ASP A 83 -12.43 19.93 0.66
CA ASP A 83 -13.71 20.05 -0.01
C ASP A 83 -13.54 20.52 -1.45
N GLU A 84 -12.67 21.50 -1.68
CA GLU A 84 -12.46 21.98 -3.04
C GLU A 84 -11.93 20.88 -3.93
N ALA A 85 -11.02 20.05 -3.41
CA ALA A 85 -10.46 18.96 -4.21
C ALA A 85 -11.51 17.89 -4.50
N ILE A 86 -12.38 17.61 -3.53
CA ILE A 86 -13.37 16.55 -3.71
C ILE A 86 -14.52 17.01 -4.60
N ASP A 87 -14.85 18.30 -4.57
CA ASP A 87 -16.04 18.79 -5.25
C ASP A 87 -16.00 18.47 -6.74
N GLY A 88 -16.99 17.72 -7.21
CA GLY A 88 -17.09 17.40 -8.62
C GLY A 88 -15.95 16.59 -9.19
N ALA A 89 -15.12 15.98 -8.35
CA ALA A 89 -13.99 15.21 -8.84
C ALA A 89 -14.48 13.96 -9.55
N ASP A 90 -13.72 13.53 -10.56
CA ASP A 90 -14.00 12.27 -11.25
C ASP A 90 -13.26 11.11 -10.59
N PHE A 91 -12.06 11.36 -10.11
CA PHE A 91 -11.27 10.36 -9.40
C PHE A 91 -10.55 11.03 -8.25
N ILE A 92 -10.58 10.40 -7.08
CA ILE A 92 -9.97 10.93 -5.87
C ILE A 92 -8.95 9.91 -5.40
N ILE A 93 -7.67 10.29 -5.44
CA ILE A 93 -6.57 9.43 -5.05
C ILE A 93 -6.14 9.83 -3.65
N ASN A 94 -6.35 8.94 -2.68
CA ASN A 94 -6.03 9.21 -1.27
C ASN A 94 -4.68 8.57 -0.95
N THR A 95 -3.64 9.39 -0.95
CA THR A 95 -2.30 8.97 -0.54
C THR A 95 -1.85 9.75 0.70
N ALA A 96 -2.81 10.24 1.48
CA ALA A 96 -2.49 11.06 2.64
C ALA A 96 -2.09 10.19 3.83
N TYR A 97 -1.17 10.73 4.64
CA TYR A 97 -0.67 10.04 5.83
C TYR A 97 -0.80 11.01 6.99
N PRO A 98 -1.93 11.02 7.70
CA PRO A 98 -2.16 12.02 8.74
C PRO A 98 -1.06 12.05 9.80
N TYR A 99 -1.00 13.18 10.49
CA TYR A 99 -0.05 13.39 11.57
C TYR A 99 -0.51 14.58 12.39
N ASP A 100 -0.07 14.63 13.66
CA ASP A 100 -0.38 15.76 14.51
C ASP A 100 0.68 16.83 14.30
N PRO A 101 0.35 17.97 13.66
CA PRO A 101 1.42 18.94 13.33
C PRO A 101 2.03 19.62 14.54
N ARG A 102 1.41 19.53 15.71
CA ARG A 102 1.99 20.13 16.91
C ARG A 102 3.25 19.41 17.36
N TYR A 103 3.46 18.17 16.90
CA TYR A 103 4.58 17.34 17.35
C TYR A 103 5.37 16.68 16.23
N HIS A 104 4.80 16.54 15.04
CA HIS A 104 5.44 15.81 13.96
C HIS A 104 5.34 16.61 12.66
N ASP A 105 6.13 16.17 11.67
CA ASP A 105 6.08 16.73 10.34
C ASP A 105 5.53 15.77 9.30
N SER A 106 5.53 14.47 9.59
CA SER A 106 4.99 13.48 8.66
C SER A 106 4.39 12.33 9.48
N GLY A 107 3.75 11.41 8.77
CA GLY A 107 3.05 10.32 9.44
C GLY A 107 3.94 9.22 9.95
N SER A 108 5.07 8.96 9.27
CA SER A 108 5.96 7.90 9.71
C SER A 108 6.45 8.09 11.13
N GLN A 109 6.46 9.33 11.63
CA GLN A 109 6.99 9.60 12.96
C GLN A 109 6.14 8.95 14.04
N ARG A 110 4.82 9.08 13.95
CA ARG A 110 3.96 8.52 14.99
C ARG A 110 4.05 7.01 15.04
N TRP A 111 4.25 6.35 13.89
CA TRP A 111 4.35 4.90 13.89
C TRP A 111 5.69 4.45 14.47
N ASP A 112 6.78 5.13 14.12
CA ASP A 112 8.08 4.77 14.69
C ASP A 112 8.10 4.95 16.19
N GLU A 113 7.49 6.03 16.69
CA GLU A 113 7.52 6.30 18.13
C GLU A 113 6.70 5.28 18.91
N VAL A 114 5.48 5.00 18.45
CA VAL A 114 4.66 4.00 19.14
C VAL A 114 5.31 2.64 19.06
N THR A 115 5.98 2.34 17.94
CA THR A 115 6.70 1.07 17.82
C THR A 115 7.75 0.92 18.91
N LYS A 116 8.45 2.01 19.23
CA LYS A 116 9.44 1.96 20.30
C LYS A 116 8.79 1.73 21.66
N VAL A 117 7.64 2.36 21.90
CA VAL A 117 6.90 2.11 23.12
C VAL A 117 6.49 0.65 23.19
N GLY A 118 6.05 0.09 22.06
CA GLY A 118 5.72 -1.33 22.03
C GLY A 118 6.91 -2.20 22.41
N GLU A 119 8.05 -1.96 21.77
CA GLU A 119 9.25 -2.73 22.08
C GLU A 119 9.71 -2.50 23.51
N LYS A 120 9.49 -1.28 24.03
CA LYS A 120 9.79 -1.01 25.43
C LYS A 120 9.04 -1.95 26.36
N HIS A 121 7.84 -2.39 25.96
CA HIS A 121 7.01 -3.26 26.77
C HIS A 121 7.07 -4.73 26.33
N GLY A 122 8.04 -5.08 25.50
CA GLY A 122 8.24 -6.47 25.13
C GLY A 122 7.55 -6.90 23.85
N TYR A 123 7.15 -5.97 23.00
CA TYR A 123 6.51 -6.29 21.71
C TYR A 123 7.49 -5.93 20.61
N TYR A 124 8.26 -6.92 20.16
CA TYR A 124 9.25 -6.71 19.11
C TYR A 124 8.59 -6.17 17.85
N ARG A 125 9.11 -5.03 17.36
CA ARG A 125 8.58 -4.31 16.21
C ARG A 125 7.18 -3.75 16.45
N GLY A 126 6.80 -3.54 17.71
CA GLY A 126 5.57 -2.86 18.02
C GLY A 126 4.36 -3.76 17.94
N ILE A 127 3.29 -3.35 18.64
CA ILE A 127 2.06 -4.10 18.65
C ILE A 127 1.42 -4.18 17.27
N ASP A 128 1.73 -3.22 16.39
CA ASP A 128 1.18 -3.23 15.04
C ASP A 128 1.78 -4.32 14.17
N SER A 129 2.92 -4.89 14.57
CA SER A 129 3.49 -6.04 13.90
C SER A 129 2.89 -7.31 14.48
N GLN A 130 2.16 -8.06 13.66
CA GLN A 130 1.46 -9.26 14.09
C GLN A 130 1.66 -10.34 13.05
N GLU A 131 1.36 -11.58 13.43
CA GLU A 131 1.49 -12.70 12.49
C GLU A 131 0.69 -12.40 11.23
N LEU A 132 1.31 -12.66 10.08
CA LEU A 132 0.71 -12.36 8.78
C LEU A 132 0.47 -10.86 8.61
N ASN A 133 1.25 -10.04 9.31
CA ASN A 133 1.05 -8.60 9.27
C ASN A 133 2.29 -7.88 9.80
N MET A 134 3.42 -8.05 9.11
CA MET A 134 4.70 -7.49 9.53
C MET A 134 5.07 -6.22 8.77
N VAL A 135 4.40 -5.92 7.66
CA VAL A 135 4.72 -4.74 6.86
C VAL A 135 4.72 -3.52 7.77
N SER A 136 5.84 -2.80 7.77
CA SER A 136 5.95 -1.61 8.62
C SER A 136 4.97 -0.54 8.17
N THR A 137 4.44 0.20 9.15
CA THR A 137 3.56 1.33 8.95
C THR A 137 2.23 0.96 8.30
N TYR A 138 1.84 -0.32 8.36
CA TYR A 138 0.59 -0.73 7.74
C TYR A 138 -0.61 -0.36 8.60
N THR A 139 -0.56 -0.72 9.89
CA THR A 139 -1.58 -0.33 10.85
C THR A 139 -0.95 0.53 11.94
N TYR A 140 -1.79 1.32 12.60
CA TYR A 140 -1.35 2.23 13.66
C TYR A 140 -2.20 1.98 14.90
N VAL A 141 -1.58 1.38 15.92
CA VAL A 141 -2.28 1.03 17.15
C VAL A 141 -3.47 0.16 16.79
N LEU A 142 -3.25 -0.79 15.88
CA LEU A 142 -4.23 -1.82 15.54
C LEU A 142 -5.40 -1.28 14.73
N SER A 143 -6.11 -0.28 15.25
CA SER A 143 -7.32 0.21 14.60
C SER A 143 -7.05 1.30 13.56
N SER A 144 -5.83 1.85 13.52
CA SER A 144 -5.44 2.82 12.51
C SER A 144 -6.42 4.01 12.49
N TYR A 145 -6.65 4.57 13.68
CA TYR A 145 -7.69 5.60 13.84
C TYR A 145 -7.50 6.78 12.89
N PRO A 146 -6.36 7.46 12.87
CA PRO A 146 -6.27 8.67 12.01
C PRO A 146 -6.47 8.37 10.54
N ASP A 147 -5.99 7.22 10.09
CA ASP A 147 -6.07 6.86 8.68
C ASP A 147 -7.49 6.42 8.30
N MET A 148 -8.10 5.57 9.13
CA MET A 148 -9.50 5.22 8.91
C MET A 148 -10.39 6.45 8.98
N LYS A 149 -10.12 7.34 9.93
CA LYS A 149 -10.95 8.54 10.08
C LYS A 149 -10.93 9.38 8.82
N LEU A 150 -9.74 9.64 8.27
CA LEU A 150 -9.64 10.48 7.07
C LEU A 150 -10.35 9.82 5.89
N ALA A 151 -10.12 8.52 5.69
CA ALA A 151 -10.76 7.83 4.58
C ALA A 151 -12.28 7.91 4.66
N LEU A 152 -12.84 7.69 5.85
CA LEU A 152 -14.29 7.76 6.01
C LEU A 152 -14.79 9.19 5.81
N GLU A 153 -14.03 10.18 6.26
CA GLU A 153 -14.41 11.57 6.02
C GLU A 153 -14.49 11.86 4.52
N ILE A 154 -13.46 11.45 3.77
CA ILE A 154 -13.47 11.66 2.33
C ILE A 154 -14.67 10.95 1.71
N ALA A 155 -14.92 9.70 2.13
CA ALA A 155 -16.03 8.95 1.55
C ALA A 155 -17.36 9.66 1.75
N GLU A 156 -17.62 10.19 2.94
CA GLU A 156 -18.88 10.87 3.20
C GLU A 156 -18.96 12.17 2.40
N LYS A 157 -17.91 13.00 2.46
CA LYS A 157 -17.87 14.19 1.62
C LYS A 157 -18.05 13.84 0.15
N MET A 158 -17.55 12.68 -0.26
CA MET A 158 -17.56 12.29 -1.66
C MET A 158 -18.96 11.91 -2.12
N LYS A 159 -19.69 11.15 -1.30
CA LYS A 159 -21.04 10.75 -1.66
C LYS A 159 -21.94 11.95 -1.94
N LYS A 160 -21.67 13.08 -1.29
CA LYS A 160 -22.50 14.27 -1.43
C LYS A 160 -21.97 15.23 -2.49
N MET A 161 -20.65 15.32 -2.65
CA MET A 161 -20.04 16.30 -3.55
C MET A 161 -19.51 15.71 -4.84
N ALA A 162 -19.35 14.39 -4.91
CA ALA A 162 -18.87 13.72 -6.13
C ALA A 162 -19.48 12.34 -6.18
N PRO A 163 -20.76 12.23 -6.53
CA PRO A 163 -21.44 10.93 -6.43
C PRO A 163 -20.92 9.89 -7.41
N LYS A 164 -20.35 10.30 -8.54
CA LYS A 164 -19.90 9.36 -9.56
C LYS A 164 -18.41 9.07 -9.50
N ALA A 165 -17.69 9.66 -8.55
CA ALA A 165 -16.25 9.54 -8.52
C ALA A 165 -15.81 8.19 -7.95
N TYR A 166 -14.55 7.85 -8.22
CA TYR A 166 -13.90 6.68 -7.64
C TYR A 166 -12.91 7.15 -6.59
N LEU A 167 -12.97 6.56 -5.40
CA LEU A 167 -11.99 6.82 -4.35
C LEU A 167 -10.91 5.75 -4.45
N MET A 168 -9.76 6.14 -4.98
CA MET A 168 -8.65 5.23 -5.21
C MET A 168 -7.75 5.26 -3.96
N GLN A 169 -8.02 4.34 -3.04
CA GLN A 169 -7.33 4.33 -1.74
C GLN A 169 -5.95 3.71 -1.90
N THR A 170 -4.91 4.46 -1.53
CA THR A 170 -3.55 3.94 -1.48
C THR A 170 -2.95 3.98 -0.09
N ALA A 171 -3.38 4.89 0.77
CA ALA A 171 -2.86 4.96 2.13
C ALA A 171 -3.25 3.71 2.91
N ASN A 172 -2.33 3.24 3.75
CA ASN A 172 -2.53 2.00 4.50
C ASN A 172 -3.25 2.26 5.82
N PRO A 173 -3.95 1.25 6.36
CA PRO A 173 -4.11 -0.10 5.81
C PRO A 173 -5.15 -0.18 4.68
N VAL A 174 -4.72 -0.59 3.50
CA VAL A 174 -5.62 -0.65 2.35
C VAL A 174 -6.76 -1.62 2.61
N PHE A 175 -6.44 -2.82 3.12
CA PHE A 175 -7.46 -3.82 3.37
C PHE A 175 -8.52 -3.30 4.34
N GLU A 176 -8.10 -2.93 5.56
CA GLU A 176 -9.03 -2.47 6.58
C GLU A 176 -9.81 -1.25 6.09
N ILE A 177 -9.12 -0.27 5.51
CA ILE A 177 -9.79 0.97 5.11
C ILE A 177 -10.83 0.69 4.03
N THR A 178 -10.42 0.03 2.94
CA THR A 178 -11.35 -0.24 1.85
C THR A 178 -12.56 -1.00 2.34
N GLN A 179 -12.35 -1.97 3.24
CA GLN A 179 -13.47 -2.74 3.78
C GLN A 179 -14.39 -1.83 4.59
N ALA A 180 -13.82 -1.00 5.45
CA ALA A 180 -14.64 -0.14 6.31
C ALA A 180 -15.45 0.86 5.49
N VAL A 181 -14.82 1.50 4.50
CA VAL A 181 -15.53 2.47 3.68
C VAL A 181 -16.66 1.78 2.92
N ARG A 182 -16.36 0.65 2.26
CA ARG A 182 -17.39 -0.08 1.53
C ARG A 182 -18.55 -0.47 2.45
N ARG A 183 -18.23 -1.04 3.61
CA ARG A 183 -19.25 -1.61 4.46
C ARG A 183 -20.08 -0.53 5.16
N TRP A 184 -19.42 0.54 5.60
CA TRP A 184 -20.08 1.53 6.45
C TRP A 184 -20.61 2.74 5.69
N THR A 185 -20.18 2.96 4.45
CA THR A 185 -20.63 4.13 3.68
C THR A 185 -21.14 3.80 2.29
N GLY A 186 -20.79 2.65 1.71
CA GLY A 186 -21.20 2.32 0.37
C GLY A 186 -20.56 3.23 -0.67
N ALA A 187 -19.56 3.99 -0.27
CA ALA A 187 -18.85 4.84 -1.22
C ALA A 187 -18.12 3.98 -2.25
N ASN A 188 -17.85 4.60 -3.40
CA ASN A 188 -17.28 3.89 -4.55
C ASN A 188 -15.75 3.86 -4.44
N ILE A 189 -15.28 3.11 -3.44
CA ILE A 189 -13.86 3.03 -3.11
C ILE A 189 -13.26 1.78 -3.72
N VAL A 190 -12.01 1.88 -4.15
CA VAL A 190 -11.22 0.73 -4.62
C VAL A 190 -9.83 0.87 -4.05
N GLY A 191 -9.28 -0.22 -3.53
CA GLY A 191 -7.95 -0.20 -2.95
C GLY A 191 -6.88 -0.58 -3.96
N PHE A 192 -5.78 0.15 -3.93
CA PHE A 192 -4.71 -0.03 -4.90
C PHE A 192 -3.39 -0.44 -4.25
N CSO A 193 -2.75 -1.46 -4.83
CA CSO A 193 -1.40 -1.85 -4.44
CB CSO A 193 -1.39 -2.60 -3.12
SG CSO A 193 0.33 -2.89 -2.63
C CSO A 193 -0.80 -2.72 -5.54
O CSO A 193 -1.48 -3.59 -6.08
OD CSO A 193 0.55 -4.55 -2.03
HA CSO A 193 -0.84 -1.04 -4.34
HB2 CSO A 193 -1.84 -3.46 -3.22
HB3 CSO A 193 -1.82 -2.07 -2.43
HD CSO A 193 0.32 -5.18 -2.74
N HIS A 194 0.48 -2.50 -5.85
CA HIS A 194 1.11 -3.20 -6.96
C HIS A 194 2.05 -4.31 -6.49
N GLY A 195 1.71 -4.94 -5.36
CA GLY A 195 2.50 -6.04 -4.86
C GLY A 195 2.61 -7.22 -5.82
N VAL A 196 1.65 -7.36 -6.73
CA VAL A 196 1.68 -8.43 -7.72
C VAL A 196 2.97 -8.41 -8.54
N ALA A 197 3.63 -7.25 -8.65
CA ALA A 197 4.79 -7.12 -9.51
C ALA A 197 5.90 -8.10 -9.16
N GLY A 198 5.86 -8.71 -7.97
CA GLY A 198 6.90 -9.65 -7.59
C GLY A 198 6.99 -10.86 -8.52
N VAL A 199 5.88 -11.21 -9.19
CA VAL A 199 5.90 -12.37 -10.06
C VAL A 199 6.98 -12.25 -11.13
N TYR A 200 7.28 -11.03 -11.56
CA TYR A 200 8.20 -10.83 -12.67
C TYR A 200 9.63 -11.19 -12.28
N GLU A 201 9.98 -11.09 -10.99
CA GLU A 201 11.29 -11.55 -10.55
C GLU A 201 11.36 -13.07 -10.56
N VAL A 202 10.26 -13.74 -10.22
CA VAL A 202 10.21 -15.19 -10.29
C VAL A 202 10.53 -15.66 -11.69
N PHE A 203 9.90 -15.05 -12.69
CA PHE A 203 10.12 -15.47 -14.07
C PHE A 203 11.56 -15.23 -14.49
N GLU A 204 12.13 -14.09 -14.08
CA GLU A 204 13.53 -13.79 -14.43
C GLU A 204 14.48 -14.80 -13.80
N LYS A 205 14.25 -15.15 -12.53
CA LYS A 205 15.13 -16.10 -11.85
C LYS A 205 15.03 -17.49 -12.45
N LEU A 206 13.87 -17.85 -13.02
CA LEU A 206 13.66 -19.15 -13.63
C LEU A 206 13.90 -19.14 -15.13
N ASP A 207 14.35 -18.02 -15.69
CA ASP A 207 14.70 -17.92 -17.11
C ASP A 207 13.48 -18.16 -17.99
N LEU A 208 12.37 -17.50 -17.64
CA LEU A 208 11.10 -17.65 -18.34
C LEU A 208 10.68 -16.30 -18.91
N ASP A 209 10.37 -16.29 -20.20
CA ASP A 209 9.81 -15.11 -20.84
C ASP A 209 8.44 -14.81 -20.22
N PRO A 210 8.24 -13.67 -19.56
CA PRO A 210 6.93 -13.39 -18.96
C PRO A 210 5.77 -13.55 -19.93
N GLU A 211 5.96 -13.16 -21.19
CA GLU A 211 4.88 -13.25 -22.17
C GLU A 211 4.46 -14.68 -22.45
N GLU A 212 5.32 -15.65 -22.13
CA GLU A 212 5.00 -17.06 -22.33
C GLU A 212 4.43 -17.72 -21.08
N VAL A 213 4.28 -16.98 -19.99
CA VAL A 213 3.82 -17.52 -18.73
C VAL A 213 2.33 -17.21 -18.58
N ASP A 214 1.53 -18.24 -18.35
CA ASP A 214 0.10 -18.10 -18.03
C ASP A 214 0.00 -18.15 -16.51
N TRP A 215 -0.19 -16.98 -15.89
CA TRP A 215 -0.13 -16.87 -14.44
C TRP A 215 -1.32 -16.08 -13.91
N GLN A 216 -1.56 -16.24 -12.61
CA GLN A 216 -2.63 -15.55 -11.91
C GLN A 216 -2.25 -15.48 -10.44
N VAL A 217 -2.71 -14.42 -9.77
CA VAL A 217 -2.54 -14.28 -8.32
C VAL A 217 -3.86 -13.82 -7.72
N ALA A 218 -4.04 -14.11 -6.45
CA ALA A 218 -5.25 -13.71 -5.75
C ALA A 218 -5.02 -13.88 -4.25
N GLY A 219 -5.82 -13.16 -3.48
CA GLY A 219 -5.78 -13.24 -2.04
C GLY A 219 -6.33 -12.00 -1.39
N VAL A 220 -5.63 -11.47 -0.39
CA VAL A 220 -5.95 -10.19 0.21
C VAL A 220 -4.74 -9.28 0.02
N ASN A 221 -4.92 -8.01 0.36
CA ASN A 221 -3.84 -7.05 0.26
C ASN A 221 -2.65 -7.53 1.08
N HIS A 222 -1.46 -7.54 0.48
CA HIS A 222 -0.26 -8.07 1.12
C HIS A 222 -0.46 -9.51 1.57
N GLY A 223 -1.35 -10.22 0.88
CA GLY A 223 -1.65 -11.60 1.19
C GLY A 223 -2.09 -12.34 -0.05
N ILE A 224 -1.33 -12.20 -1.13
CA ILE A 224 -1.69 -12.76 -2.42
C ILE A 224 -0.75 -13.91 -2.75
N TRP A 225 -1.24 -14.83 -3.58
CA TRP A 225 -0.55 -16.08 -3.84
C TRP A 225 -0.59 -16.39 -5.33
N LEU A 226 0.51 -16.94 -5.84
CA LEU A 226 0.62 -17.33 -7.24
C LEU A 226 -0.16 -18.62 -7.45
N ASN A 227 -1.49 -18.47 -7.62
CA ASN A 227 -2.36 -19.63 -7.68
C ASN A 227 -2.25 -20.37 -9.00
N ARG A 228 -1.92 -19.66 -10.09
CA ARG A 228 -1.66 -20.30 -11.37
C ARG A 228 -0.28 -19.88 -11.87
N PHE A 229 0.51 -20.87 -12.28
CA PHE A 229 1.86 -20.65 -12.77
C PHE A 229 2.14 -21.75 -13.78
N ARG A 230 1.94 -21.44 -15.06
CA ARG A 230 2.02 -22.45 -16.12
C ARG A 230 2.91 -21.94 -17.25
N TYR A 231 3.50 -22.88 -17.97
CA TYR A 231 4.48 -22.55 -19.00
C TYR A 231 4.51 -23.68 -20.01
N ARG A 232 4.30 -23.35 -21.28
CA ARG A 232 4.28 -24.34 -22.36
C ARG A 232 3.26 -25.44 -22.06
N GLY A 233 2.07 -25.02 -21.66
CA GLY A 233 0.98 -25.95 -21.45
C GLY A 233 1.16 -26.91 -20.30
N GLU A 234 1.99 -26.57 -19.32
CA GLU A 234 2.19 -27.41 -18.15
C GLU A 234 2.38 -26.54 -16.92
N ASP A 235 2.12 -27.15 -15.76
CA ASP A 235 2.41 -26.48 -14.50
C ASP A 235 3.89 -26.15 -14.41
N ALA A 236 4.19 -24.88 -14.10
CA ALA A 236 5.57 -24.42 -14.05
C ALA A 236 6.18 -24.52 -12.67
N TYR A 237 5.40 -24.86 -11.64
CA TYR A 237 5.96 -24.98 -10.30
C TYR A 237 7.09 -25.99 -10.19
N PRO A 238 7.10 -27.12 -10.94
CA PRO A 238 8.28 -27.99 -10.90
C PRO A 238 9.56 -27.26 -11.28
N LEU A 239 9.47 -26.18 -12.05
CA LEU A 239 10.65 -25.37 -12.33
C LEU A 239 11.10 -24.59 -11.10
N LEU A 240 10.17 -24.20 -10.24
CA LEU A 240 10.54 -23.57 -8.97
C LEU A 240 11.15 -24.58 -8.02
N ASP A 241 10.61 -25.80 -7.98
CA ASP A 241 11.20 -26.86 -7.17
C ASP A 241 12.66 -27.07 -7.55
N GLU A 242 12.97 -27.06 -8.84
CA GLU A 242 14.35 -27.22 -9.28
C GLU A 242 15.21 -26.05 -8.80
N TRP A 243 14.69 -24.83 -8.91
CA TRP A 243 15.45 -23.66 -8.48
C TRP A 243 15.73 -23.72 -6.98
N ILE A 244 14.73 -24.09 -6.19
CA ILE A 244 14.93 -24.20 -4.74
C ILE A 244 16.06 -25.18 -4.43
N GLU A 245 16.16 -26.25 -5.21
CA GLU A 245 17.14 -27.29 -4.93
C GLU A 245 18.53 -26.95 -5.44
N LYS A 246 18.63 -26.14 -6.50
CA LYS A 246 19.90 -25.90 -7.17
C LYS A 246 20.40 -24.47 -7.08
N LYS A 247 19.55 -23.50 -6.72
CA LYS A 247 19.97 -22.10 -6.70
C LYS A 247 19.58 -21.35 -5.44
N LEU A 248 18.64 -21.84 -4.64
CA LEU A 248 18.33 -21.15 -3.38
C LEU A 248 19.53 -21.08 -2.44
N PRO A 249 20.36 -22.12 -2.31
CA PRO A 249 21.49 -22.03 -1.36
C PRO A 249 22.41 -20.86 -1.62
N GLU A 250 22.42 -20.31 -2.84
CA GLU A 250 23.30 -19.20 -3.19
C GLU A 250 22.54 -17.88 -3.31
N TRP A 251 21.25 -17.86 -2.98
CA TRP A 251 20.48 -16.63 -3.07
C TRP A 251 21.03 -15.57 -2.12
N GLU A 252 21.00 -14.32 -2.56
CA GLU A 252 21.55 -13.22 -1.81
C GLU A 252 20.66 -12.01 -2.07
N PRO A 253 20.18 -11.33 -1.03
CA PRO A 253 19.34 -10.15 -1.27
C PRO A 253 20.17 -8.98 -1.76
N LYS A 254 19.65 -8.28 -2.77
CA LYS A 254 20.33 -7.09 -3.29
C LYS A 254 20.13 -5.87 -2.39
N ASN A 255 19.04 -5.86 -1.62
CA ASN A 255 18.73 -4.74 -0.74
C ASN A 255 17.68 -5.23 0.26
N PRO A 256 17.41 -4.45 1.32
CA PRO A 256 16.50 -4.93 2.36
C PRO A 256 15.14 -5.34 1.85
N TRP A 257 14.73 -4.78 0.70
CA TRP A 257 13.43 -5.07 0.13
C TRP A 257 13.39 -6.36 -0.68
N ASP A 258 14.54 -6.95 -0.97
CA ASP A 258 14.62 -8.13 -1.84
C ASP A 258 14.31 -9.37 -1.00
N THR A 259 13.10 -9.91 -1.17
CA THR A 259 12.68 -11.08 -0.42
C THR A 259 11.86 -12.08 -1.22
N GLN A 260 11.54 -11.79 -2.48
CA GLN A 260 10.60 -12.64 -3.23
C GLN A 260 11.11 -14.07 -3.34
N MET A 261 12.41 -14.26 -3.50
CA MET A 261 13.01 -15.57 -3.67
C MET A 261 13.79 -16.02 -2.43
N SER A 262 13.39 -15.54 -1.27
CA SER A 262 14.13 -15.78 -0.04
C SER A 262 13.78 -17.15 0.54
N PRO A 263 14.58 -17.63 1.50
CA PRO A 263 14.20 -18.87 2.20
C PRO A 263 12.83 -18.79 2.84
N ALA A 264 12.44 -17.61 3.33
CA ALA A 264 11.11 -17.46 3.90
C ALA A 264 10.03 -17.71 2.85
N ALA A 265 10.20 -17.14 1.66
CA ALA A 265 9.20 -17.32 0.61
C ALA A 265 9.07 -18.79 0.21
N MET A 266 10.20 -19.49 0.10
CA MET A 266 10.16 -20.89 -0.31
C MET A 266 9.64 -21.80 0.80
N ASP A 267 9.95 -21.48 2.06
CA ASP A 267 9.40 -22.26 3.16
C ASP A 267 7.88 -22.13 3.22
N MET A 268 7.37 -20.93 2.96
CA MET A 268 5.92 -20.74 2.90
C MET A 268 5.34 -21.46 1.69
N TYR A 269 6.06 -21.48 0.57
CA TYR A 269 5.60 -22.22 -0.60
C TYR A 269 5.54 -23.72 -0.31
N LYS A 270 6.55 -24.26 0.37
CA LYS A 270 6.55 -25.69 0.67
C LYS A 270 5.33 -26.07 1.50
N PHE A 271 4.93 -25.22 2.43
CA PHE A 271 3.82 -25.55 3.32
C PHE A 271 2.47 -25.30 2.65
N TYR A 272 2.31 -24.13 2.03
CA TYR A 272 1.01 -23.74 1.48
C TYR A 272 0.74 -24.27 0.08
N GLY A 273 1.79 -24.64 -0.66
CA GLY A 273 1.63 -25.17 -2.00
C GLY A 273 1.65 -24.14 -3.11
N MET A 274 1.54 -22.86 -2.77
CA MET A 274 1.63 -21.77 -3.74
C MET A 274 2.60 -20.72 -3.20
N LEU A 275 3.29 -20.06 -4.11
CA LEU A 275 4.32 -19.11 -3.72
C LEU A 275 3.67 -17.79 -3.29
N PRO A 276 3.96 -17.27 -2.10
CA PRO A 276 3.51 -15.93 -1.75
C PRO A 276 4.22 -14.89 -2.59
N ILE A 277 3.50 -13.83 -2.94
CA ILE A 277 3.97 -12.83 -3.88
C ILE A 277 4.05 -11.48 -3.19
N GLY A 278 5.13 -10.76 -3.46
CA GLY A 278 5.26 -9.38 -2.99
C GLY A 278 5.38 -9.30 -1.48
N ASP A 279 4.70 -8.30 -0.91
CA ASP A 279 4.74 -8.10 0.53
C ASP A 279 4.23 -9.30 1.31
N THR A 280 3.52 -10.22 0.66
CA THR A 280 3.05 -11.42 1.34
C THR A 280 4.21 -12.18 1.98
N VAL A 281 5.40 -12.14 1.36
CA VAL A 281 6.56 -12.80 1.93
C VAL A 281 6.96 -12.14 3.24
N ARG A 282 6.75 -10.84 3.36
CA ARG A 282 6.99 -10.15 4.62
C ARG A 282 5.95 -10.52 5.66
N ASN A 283 4.73 -10.85 5.22
CA ASN A 283 3.63 -11.13 6.13
C ASN A 283 3.52 -12.64 6.37
N GLY A 284 4.50 -13.18 7.08
CA GLY A 284 4.52 -14.56 7.48
C GLY A 284 4.21 -14.73 8.95
N SER A 285 4.20 -16.00 9.37
CA SER A 285 4.07 -16.33 10.78
C SER A 285 5.28 -15.81 11.54
N TRP A 286 5.20 -15.90 12.88
CA TRP A 286 6.30 -15.49 13.72
C TRP A 286 7.53 -16.38 13.58
N LYS A 287 7.41 -17.50 12.86
CA LYS A 287 8.55 -18.38 12.66
C LYS A 287 9.74 -17.64 12.09
N TYR A 288 9.50 -16.66 11.23
CA TYR A 288 10.57 -15.95 10.53
C TYR A 288 10.91 -14.60 11.13
N HIS A 289 10.30 -14.23 12.26
CA HIS A 289 10.42 -12.85 12.74
C HIS A 289 10.60 -12.74 14.27
N TYR A 290 10.99 -13.83 14.95
CA TYR A 290 11.12 -13.75 16.40
C TYR A 290 12.07 -12.63 16.80
N ASN A 291 13.19 -12.48 16.10
CA ASN A 291 14.19 -11.47 16.41
C ASN A 291 14.97 -11.18 15.14
N LEU A 292 15.97 -10.30 15.25
CA LEU A 292 16.73 -9.90 14.07
C LEU A 292 17.57 -11.05 13.53
N GLU A 293 18.18 -11.83 14.42
CA GLU A 293 18.95 -12.99 13.99
C GLU A 293 18.10 -13.97 13.19
N THR A 294 16.88 -14.22 13.66
CA THR A 294 15.97 -15.11 12.93
C THR A 294 15.61 -14.53 11.57
N LYS A 295 15.34 -13.21 11.51
CA LYS A 295 15.03 -12.58 10.24
C LYS A 295 16.18 -12.73 9.25
N LYS A 296 17.43 -12.62 9.73
CA LYS A 296 18.56 -12.72 8.82
C LYS A 296 18.76 -14.14 8.30
N LYS A 297 18.38 -15.14 9.10
CA LYS A 297 18.43 -16.52 8.61
C LYS A 297 17.46 -16.74 7.46
N TRP A 298 16.29 -16.11 7.52
CA TRP A 298 15.22 -16.38 6.57
C TRP A 298 15.10 -15.35 5.46
N PHE A 299 15.70 -14.17 5.60
CA PHE A 299 15.60 -13.13 4.59
C PHE A 299 16.96 -12.69 4.06
N GLY A 300 18.05 -13.18 4.61
CA GLY A 300 19.38 -12.78 4.16
C GLY A 300 20.02 -11.76 5.09
N LYS A 301 21.13 -11.21 4.61
CA LYS A 301 22.02 -10.41 5.46
C LYS A 301 21.31 -9.21 6.06
N PHE A 302 20.38 -8.59 5.34
CA PHE A 302 19.72 -7.40 5.87
C PHE A 302 18.69 -7.73 6.93
N GLY A 303 18.23 -8.98 7.01
CA GLY A 303 17.12 -9.30 7.88
C GLY A 303 15.80 -8.73 7.39
N GLY A 304 15.67 -8.51 6.09
CA GLY A 304 14.48 -7.90 5.56
C GLY A 304 14.45 -6.40 5.81
N ILE A 305 13.27 -5.83 5.64
CA ILE A 305 13.05 -4.40 5.84
C ILE A 305 12.35 -4.09 7.16
N ASP A 306 11.61 -5.04 7.73
CA ASP A 306 10.80 -4.77 8.91
C ASP A 306 11.54 -5.17 10.18
N ASN A 307 12.65 -4.48 10.44
CA ASN A 307 13.44 -4.71 11.65
C ASN A 307 13.95 -3.38 12.19
N GLU A 308 14.54 -3.45 13.38
CA GLU A 308 14.92 -2.25 14.14
C GLU A 308 16.06 -1.48 13.49
N VAL A 309 16.70 -2.02 12.46
CA VAL A 309 17.80 -1.35 11.77
C VAL A 309 17.35 -0.77 10.44
N GLU A 310 16.70 -1.57 9.61
CA GLU A 310 16.40 -1.17 8.24
C GLU A 310 15.17 -0.26 8.18
N ARG A 311 14.16 -0.53 8.99
CA ARG A 311 12.97 0.32 8.97
C ARG A 311 13.27 1.76 9.33
N PRO A 312 13.92 2.06 10.46
CA PRO A 312 14.29 3.46 10.73
C PRO A 312 15.23 4.04 9.69
N LYS A 313 16.13 3.23 9.12
CA LYS A 313 17.04 3.74 8.10
C LYS A 313 16.26 4.13 6.84
N PHE A 314 15.31 3.31 6.43
CA PHE A 314 14.51 3.63 5.24
C PHE A 314 13.70 4.91 5.47
N HIS A 315 13.07 5.04 6.64
CA HIS A 315 12.31 6.24 6.92
C HIS A 315 13.18 7.49 6.94
N GLU A 316 14.45 7.34 7.34
CA GLU A 316 15.38 8.46 7.28
C GLU A 316 15.67 8.87 5.85
N GLN A 317 15.86 7.88 4.96
CA GLN A 317 16.05 8.19 3.55
C GLN A 317 14.87 8.97 3.00
N LEU A 318 13.64 8.61 3.41
CA LEU A 318 12.46 9.31 2.91
C LEU A 318 12.46 10.76 3.35
N ARG A 319 12.77 11.03 4.62
CA ARG A 319 12.82 12.41 5.10
C ARG A 319 13.81 13.23 4.29
N ARG A 320 15.04 12.73 4.13
CA ARG A 320 16.02 13.43 3.33
C ARG A 320 15.50 13.66 1.91
N ALA A 321 14.86 12.65 1.32
CA ALA A 321 14.33 12.81 -0.03
C ALA A 321 13.27 13.89 -0.09
N ARG A 322 12.46 14.04 0.96
CA ARG A 322 11.48 15.12 0.99
C ARG A 322 12.16 16.48 0.96
N GLU A 323 13.13 16.69 1.85
CA GLU A 323 13.81 17.98 1.91
C GLU A 323 14.54 18.27 0.60
N ARG A 324 15.22 17.27 0.03
CA ARG A 324 15.92 17.47 -1.23
C ARG A 324 14.98 17.98 -2.31
N LEU A 325 13.77 17.39 -2.38
CA LEU A 325 12.81 17.81 -3.40
C LEU A 325 12.21 19.17 -3.07
N ILE A 326 12.03 19.49 -1.80
CA ILE A 326 11.62 20.84 -1.41
C ILE A 326 12.65 21.86 -1.90
N LYS A 327 13.92 21.66 -1.52
CA LYS A 327 14.98 22.56 -1.97
C LYS A 327 15.07 22.57 -3.50
N LEU A 328 14.78 21.46 -4.15
CA LEU A 328 14.79 21.43 -5.61
C LEU A 328 13.71 22.35 -6.17
N ALA A 329 12.55 22.41 -5.52
CA ALA A 329 11.51 23.34 -5.96
C ALA A 329 11.95 24.78 -5.82
N GLU A 330 12.77 25.09 -4.81
CA GLU A 330 13.34 26.42 -4.70
C GLU A 330 14.35 26.69 -5.81
N GLU A 331 15.01 25.65 -6.31
CA GLU A 331 16.00 25.84 -7.36
C GLU A 331 15.35 26.22 -8.68
N VAL A 332 14.23 25.58 -9.04
CA VAL A 332 13.59 25.86 -10.32
C VAL A 332 13.03 27.27 -10.34
N GLN A 333 12.53 27.75 -9.20
CA GLN A 333 12.06 29.12 -9.13
C GLN A 333 13.20 30.11 -9.36
N GLN A 334 14.37 29.82 -8.80
CA GLN A 334 15.53 30.68 -9.01
C GLN A 334 16.15 30.48 -10.39
N ASN A 335 16.13 29.25 -10.90
CA ASN A 335 16.73 28.91 -12.19
C ASN A 335 15.67 28.28 -13.08
N PRO A 336 14.74 29.07 -13.61
CA PRO A 336 13.67 28.50 -14.44
C PRO A 336 14.15 27.91 -15.75
N GLY A 337 15.43 28.08 -16.10
CA GLY A 337 15.96 27.53 -17.33
C GLY A 337 16.40 26.09 -17.25
N MET A 338 16.54 25.54 -16.05
CA MET A 338 16.99 24.18 -15.90
C MET A 338 15.94 23.19 -16.42
N LYS A 339 16.40 22.00 -16.78
CA LYS A 339 15.54 20.93 -17.26
C LYS A 339 15.53 19.82 -16.23
N LEU A 340 14.42 19.71 -15.49
CA LEU A 340 14.31 18.67 -14.47
C LEU A 340 14.50 17.28 -15.06
N THR A 341 13.98 17.05 -16.27
CA THR A 341 14.11 15.75 -16.91
C THR A 341 15.56 15.42 -17.25
N GLU A 342 16.44 16.42 -17.33
CA GLU A 342 17.84 16.21 -17.66
C GLU A 342 18.70 16.00 -16.43
N GLU A 343 18.63 16.92 -15.46
CA GLU A 343 19.48 16.87 -14.28
C GLU A 343 19.05 15.79 -13.29
N HIS A 344 17.78 15.39 -13.30
CA HIS A 344 17.28 14.33 -12.41
C HIS A 344 16.33 13.45 -13.21
N PRO A 345 16.87 12.65 -14.14
CA PRO A 345 15.98 11.85 -15.00
C PRO A 345 15.20 10.79 -14.25
N GLU A 346 15.76 10.25 -13.15
CA GLU A 346 15.06 9.21 -12.41
C GLU A 346 13.80 9.75 -11.75
N ILE A 347 13.92 10.91 -11.08
CA ILE A 347 12.77 11.49 -10.40
C ILE A 347 11.78 12.10 -11.38
N PHE A 348 12.23 12.46 -12.57
CA PHE A 348 11.36 13.04 -13.60
C PHE A 348 11.56 12.28 -14.91
N PRO A 349 11.07 11.05 -14.98
CA PRO A 349 11.23 10.26 -16.21
C PRO A 349 10.59 10.94 -17.41
N LYS A 350 10.87 10.40 -18.58
CA LYS A 350 10.38 10.97 -19.83
C LYS A 350 10.23 9.85 -20.85
N GLY A 351 9.02 9.67 -21.37
CA GLY A 351 8.76 8.65 -22.36
C GLY A 351 8.19 7.37 -21.75
N LYS A 352 8.89 6.80 -20.79
CA LYS A 352 8.47 5.55 -20.17
C LYS A 352 7.52 5.82 -19.01
N LEU A 353 6.44 5.05 -18.97
CA LEU A 353 5.49 5.16 -17.86
C LEU A 353 6.04 4.47 -16.62
N SER A 354 5.46 4.81 -15.47
CA SER A 354 5.95 4.26 -14.21
C SER A 354 5.67 2.76 -14.10
N GLY A 355 4.47 2.34 -14.48
CA GLY A 355 4.05 0.96 -14.31
C GLY A 355 3.01 0.76 -13.23
N GLU A 356 2.73 1.78 -12.42
CA GLU A 356 1.69 1.68 -11.42
C GLU A 356 0.31 1.58 -12.09
N GLN A 357 -0.68 1.20 -11.29
CA GLN A 357 -2.01 0.88 -11.79
C GLN A 357 -2.99 2.05 -11.72
N HIS A 358 -2.61 3.16 -11.08
CA HIS A 358 -3.58 4.22 -10.82
C HIS A 358 -4.05 4.88 -12.12
N ILE A 359 -3.12 5.25 -12.99
CA ILE A 359 -3.47 6.00 -14.20
C ILE A 359 -4.07 5.03 -15.22
N PRO A 360 -3.49 3.85 -15.44
CA PRO A 360 -4.19 2.86 -16.28
C PRO A 360 -5.64 2.64 -15.86
N PHE A 361 -5.89 2.59 -14.55
CA PHE A 361 -7.27 2.47 -14.06
C PHE A 361 -8.10 3.66 -14.51
N ILE A 362 -7.59 4.88 -14.32
CA ILE A 362 -8.33 6.07 -14.74
C ILE A 362 -8.56 6.05 -16.24
N ASN A 363 -7.54 5.68 -17.02
CA ASN A 363 -7.69 5.65 -18.46
C ASN A 363 -8.67 4.57 -18.91
N ALA A 364 -8.90 3.55 -18.09
CA ALA A 364 -9.86 2.50 -18.44
C ALA A 364 -11.29 2.95 -18.17
N ILE A 365 -11.52 3.54 -16.99
CA ILE A 365 -12.86 4.01 -16.65
C ILE A 365 -13.29 5.13 -17.58
N ALA A 366 -12.39 6.09 -17.83
CA ALA A 366 -12.75 7.31 -18.54
C ALA A 366 -12.69 7.17 -20.05
N ASN A 367 -11.72 6.41 -20.57
CA ASN A 367 -11.49 6.33 -22.01
C ASN A 367 -11.62 4.90 -22.53
N ASN A 368 -12.15 3.98 -21.74
CA ASN A 368 -12.43 2.61 -22.19
C ASN A 368 -11.18 1.89 -22.68
N LYS A 369 -10.01 2.29 -22.16
CA LYS A 369 -8.75 1.60 -22.47
C LYS A 369 -8.66 0.39 -21.55
N ARG A 370 -9.24 -0.72 -22.00
CA ARG A 370 -9.38 -1.91 -21.16
C ARG A 370 -8.01 -2.46 -20.77
N VAL A 371 -7.88 -2.86 -19.50
CA VAL A 371 -6.61 -3.31 -18.96
C VAL A 371 -6.87 -4.31 -17.84
N ARG A 372 -5.94 -5.23 -17.65
CA ARG A 372 -5.98 -6.19 -16.55
C ARG A 372 -5.21 -5.62 -15.36
N LEU A 373 -5.87 -5.49 -14.23
CA LEU A 373 -5.27 -4.92 -13.03
C LEU A 373 -5.56 -5.83 -11.85
N PHE A 374 -4.89 -5.55 -10.74
CA PHE A 374 -5.04 -6.30 -9.48
C PHE A 374 -5.44 -5.30 -8.41
N LEU A 375 -6.72 -5.29 -8.04
CA LEU A 375 -7.30 -4.25 -7.22
C LEU A 375 -8.03 -4.88 -6.04
N ASN A 376 -8.23 -4.08 -5.00
CA ASN A 376 -8.92 -4.52 -3.79
C ASN A 376 -10.41 -4.21 -3.94
N VAL A 377 -11.21 -5.25 -4.17
CA VAL A 377 -12.65 -5.10 -4.36
C VAL A 377 -13.35 -6.24 -3.63
N GLU A 378 -14.66 -6.07 -3.44
CA GLU A 378 -15.45 -7.08 -2.75
C GLU A 378 -15.36 -8.42 -3.46
N ASN A 379 -15.35 -9.50 -2.67
CA ASN A 379 -15.21 -10.85 -3.21
C ASN A 379 -16.31 -11.14 -4.24
N GLN A 380 -17.57 -11.05 -3.81
CA GLN A 380 -18.71 -11.30 -4.70
C GLN A 380 -18.62 -12.69 -5.34
N GLY A 381 -18.25 -13.68 -4.54
CA GLY A 381 -18.25 -15.06 -4.99
C GLY A 381 -16.98 -15.52 -5.70
N THR A 382 -16.02 -14.62 -5.92
CA THR A 382 -14.81 -15.01 -6.63
C THR A 382 -14.07 -16.10 -5.89
N LEU A 383 -13.91 -15.94 -4.58
CA LEU A 383 -13.39 -16.98 -3.68
C LEU A 383 -14.59 -17.46 -2.86
N LYS A 384 -15.30 -18.46 -3.39
CA LYS A 384 -16.62 -18.81 -2.89
C LYS A 384 -16.62 -19.20 -1.42
N ASP A 385 -15.48 -19.63 -0.87
CA ASP A 385 -15.43 -20.03 0.53
C ASP A 385 -15.41 -18.86 1.48
N PHE A 386 -15.39 -17.63 0.98
CA PHE A 386 -15.33 -16.44 1.82
C PHE A 386 -16.55 -15.57 1.57
N PRO A 387 -16.89 -14.68 2.51
CA PRO A 387 -18.10 -13.87 2.35
C PRO A 387 -18.03 -12.95 1.15
N ASP A 388 -19.20 -12.68 0.56
CA ASP A 388 -19.26 -11.86 -0.65
C ASP A 388 -18.70 -10.46 -0.41
N ASP A 389 -18.87 -9.91 0.78
CA ASP A 389 -18.53 -8.51 1.01
C ASP A 389 -17.08 -8.29 1.46
N VAL A 390 -16.32 -9.36 1.70
CA VAL A 390 -14.94 -9.20 2.13
C VAL A 390 -14.10 -8.69 0.97
N VAL A 391 -13.31 -7.65 1.22
CA VAL A 391 -12.49 -7.04 0.18
C VAL A 391 -11.27 -7.93 -0.07
N MET A 392 -11.12 -8.36 -1.31
CA MET A 392 -10.01 -9.20 -1.74
C MET A 392 -9.18 -8.44 -2.77
N GLU A 393 -7.93 -8.85 -2.93
CA GLU A 393 -7.06 -8.34 -3.99
C GLU A 393 -7.13 -9.33 -5.14
N LEU A 394 -7.84 -8.96 -6.20
CA LEU A 394 -8.23 -9.91 -7.22
C LEU A 394 -7.79 -9.44 -8.59
N PRO A 395 -7.59 -10.37 -9.52
CA PRO A 395 -7.37 -9.98 -10.92
C PRO A 395 -8.69 -9.53 -11.54
N VAL A 396 -8.68 -8.32 -12.10
CA VAL A 396 -9.88 -7.73 -12.67
C VAL A 396 -9.53 -7.07 -14.00
N TRP A 397 -10.51 -7.03 -14.89
CA TRP A 397 -10.43 -6.26 -16.12
C TRP A 397 -11.32 -5.03 -15.96
N VAL A 398 -10.74 -3.85 -16.15
CA VAL A 398 -11.45 -2.59 -15.98
C VAL A 398 -11.65 -1.97 -17.35
N ASP A 399 -12.85 -1.45 -17.59
CA ASP A 399 -13.17 -0.77 -18.83
C ASP A 399 -14.11 0.38 -18.51
N CYS A 400 -14.85 0.85 -19.51
CA CYS A 400 -15.73 2.00 -19.33
C CYS A 400 -16.83 1.72 -18.30
N CYS A 401 -17.38 0.50 -18.34
CA CYS A 401 -18.59 0.18 -17.58
C CYS A 401 -18.27 -0.91 -16.55
N GLY A 402 -17.48 -0.55 -15.54
CA GLY A 402 -17.37 -1.35 -14.34
C GLY A 402 -16.05 -2.10 -14.25
N ILE A 403 -15.97 -2.92 -13.20
CA ILE A 403 -14.81 -3.77 -12.92
C ILE A 403 -15.29 -5.21 -12.96
N HIS A 404 -14.58 -6.05 -13.71
CA HIS A 404 -15.01 -7.41 -14.00
C HIS A 404 -13.97 -8.39 -13.47
N ARG A 405 -14.36 -9.19 -12.49
CA ARG A 405 -13.44 -10.10 -11.82
C ARG A 405 -13.19 -11.33 -12.68
N GLU A 406 -11.92 -11.70 -12.83
CA GLU A 406 -11.58 -12.97 -13.45
C GLU A 406 -11.98 -14.13 -12.55
N LYS A 407 -12.09 -15.31 -13.17
CA LYS A 407 -12.25 -16.53 -12.40
C LYS A 407 -10.90 -16.94 -11.82
N VAL A 408 -10.87 -17.18 -10.50
CA VAL A 408 -9.66 -17.61 -9.84
C VAL A 408 -9.54 -19.12 -10.01
N GLU A 409 -8.61 -19.54 -10.87
CA GLU A 409 -8.41 -20.94 -11.21
C GLU A 409 -6.93 -21.19 -11.44
N PRO A 410 -6.29 -22.15 -10.74
CA PRO A 410 -6.84 -22.98 -9.66
C PRO A 410 -7.22 -22.18 -8.43
N ASP A 411 -8.13 -22.72 -7.62
CA ASP A 411 -8.50 -22.07 -6.38
C ASP A 411 -7.33 -22.13 -5.40
N LEU A 412 -7.34 -21.20 -4.45
CA LEU A 412 -6.32 -21.22 -3.41
C LEU A 412 -6.38 -22.55 -2.66
N THR A 413 -5.21 -23.00 -2.19
CA THR A 413 -5.14 -24.28 -1.52
C THR A 413 -5.90 -24.25 -0.20
N HIS A 414 -6.25 -25.44 0.29
CA HIS A 414 -6.94 -25.57 1.57
C HIS A 414 -6.14 -24.93 2.70
N ARG A 415 -4.81 -25.11 2.69
CA ARG A 415 -4.00 -24.58 3.77
C ARG A 415 -3.95 -23.06 3.75
N ILE A 416 -3.90 -22.46 2.56
CA ILE A 416 -3.92 -21.00 2.47
C ILE A 416 -5.18 -20.46 3.12
N LYS A 417 -6.32 -21.11 2.88
CA LYS A 417 -7.59 -20.61 3.41
C LYS A 417 -7.64 -20.69 4.93
N ILE A 418 -7.31 -21.85 5.49
CA ILE A 418 -7.52 -22.06 6.92
C ILE A 418 -6.36 -21.53 7.76
N PHE A 419 -5.13 -21.54 7.24
CA PHE A 419 -3.97 -21.08 8.00
C PHE A 419 -3.56 -19.65 7.70
N TYR A 420 -3.99 -19.07 6.57
CA TYR A 420 -3.51 -17.74 6.20
C TYR A 420 -4.65 -16.76 5.94
N LEU A 421 -5.44 -16.99 4.89
CA LEU A 421 -6.46 -16.02 4.50
C LEU A 421 -7.45 -15.77 5.63
N TRP A 422 -8.01 -16.83 6.21
CA TRP A 422 -9.02 -16.64 7.26
C TRP A 422 -8.44 -15.94 8.49
N PRO A 423 -7.32 -16.38 9.06
CA PRO A 423 -6.73 -15.62 10.17
C PRO A 423 -6.49 -14.15 9.84
N ARG A 424 -6.09 -13.85 8.61
CA ARG A 424 -5.87 -12.45 8.22
C ARG A 424 -7.19 -11.71 8.08
N ILE A 425 -8.21 -12.36 7.51
CA ILE A 425 -9.52 -11.74 7.38
C ILE A 425 -10.10 -11.46 8.77
N LEU A 426 -9.91 -12.38 9.71
CA LEU A 426 -10.42 -12.16 11.06
C LEU A 426 -9.73 -10.97 11.72
N ARG A 427 -8.42 -10.84 11.53
CA ARG A 427 -7.71 -9.69 12.09
C ARG A 427 -8.28 -8.38 11.54
N MET A 428 -8.57 -8.35 10.24
CA MET A 428 -9.24 -7.18 9.67
C MET A 428 -10.53 -6.89 10.42
N GLU A 429 -11.33 -7.93 10.68
CA GLU A 429 -12.57 -7.74 11.41
C GLU A 429 -12.32 -7.29 12.84
N TRP A 430 -11.27 -7.84 13.48
CA TRP A 430 -10.89 -7.36 14.81
C TRP A 430 -10.58 -5.86 14.76
N ASN A 431 -9.79 -5.43 13.78
CA ASN A 431 -9.38 -4.04 13.71
C ASN A 431 -10.57 -3.12 13.44
N LEU A 432 -11.46 -3.52 12.53
CA LEU A 432 -12.65 -2.71 12.28
C LEU A 432 -13.55 -2.64 13.51
N GLU A 433 -13.74 -3.77 14.19
CA GLU A 433 -14.50 -3.76 15.43
C GLU A 433 -13.86 -2.82 16.46
N ALA A 434 -12.53 -2.82 16.54
CA ALA A 434 -11.85 -1.94 17.48
C ALA A 434 -12.06 -0.48 17.13
N TYR A 435 -12.23 -0.16 15.85
CA TYR A 435 -12.45 1.22 15.44
C TYR A 435 -13.87 1.67 15.71
N ILE A 436 -14.85 0.95 15.16
CA ILE A 436 -16.23 1.42 15.23
C ILE A 436 -16.77 1.32 16.65
N SER A 437 -16.31 0.35 17.43
CA SER A 437 -16.80 0.20 18.79
C SER A 437 -16.26 1.28 19.72
N ARG A 438 -15.09 1.84 19.41
CA ARG A 438 -14.43 2.80 20.28
C ARG A 438 -14.17 2.20 21.66
N ASP A 439 -13.99 0.87 21.71
CA ASP A 439 -13.92 0.11 22.95
C ASP A 439 -12.50 -0.42 23.12
N ARG A 440 -11.77 0.12 24.10
CA ARG A 440 -10.40 -0.32 24.34
C ARG A 440 -10.34 -1.82 24.63
N LYS A 441 -11.43 -2.40 25.13
CA LYS A 441 -11.45 -3.84 25.39
C LYS A 441 -11.22 -4.64 24.12
N VAL A 442 -11.62 -4.11 22.96
CA VAL A 442 -11.38 -4.80 21.70
C VAL A 442 -9.90 -4.77 21.37
N LEU A 443 -9.25 -3.63 21.57
CA LEU A 443 -7.80 -3.56 21.42
C LEU A 443 -7.11 -4.57 22.33
N GLU A 444 -7.53 -4.62 23.59
CA GLU A 444 -6.95 -5.57 24.53
C GLU A 444 -7.13 -7.00 24.06
N GLU A 445 -8.33 -7.34 23.57
CA GLU A 445 -8.58 -8.70 23.10
C GLU A 445 -7.63 -9.08 21.98
N ILE A 446 -7.35 -8.13 21.08
CA ILE A 446 -6.41 -8.41 19.98
C ILE A 446 -5.04 -8.77 20.54
N LEU A 447 -4.57 -8.03 21.54
CA LEU A 447 -3.27 -8.33 22.13
C LEU A 447 -3.31 -9.59 23.00
N ILE A 448 -4.49 -9.97 23.48
CA ILE A 448 -4.62 -11.24 24.19
C ILE A 448 -4.43 -12.42 23.23
N ARG A 449 -4.61 -12.22 21.93
CA ARG A 449 -4.30 -13.22 20.93
C ARG A 449 -2.88 -13.08 20.40
N ASP A 450 -2.12 -12.11 20.91
CA ASP A 450 -0.76 -11.84 20.47
C ASP A 450 0.20 -12.80 21.17
N PRO A 451 1.08 -13.49 20.42
CA PRO A 451 2.00 -14.43 21.09
C PRO A 451 2.97 -13.75 22.04
N ARG A 452 3.28 -12.48 21.82
CA ARG A 452 4.27 -11.80 22.64
C ARG A 452 3.72 -11.35 23.99
N THR A 453 2.41 -11.40 24.19
CA THR A 453 1.82 -11.04 25.46
C THR A 453 2.16 -12.08 26.52
N LYS A 454 2.61 -11.62 27.68
CA LYS A 454 2.90 -12.50 28.81
C LYS A 454 1.91 -12.33 29.96
N SER A 455 1.16 -11.24 29.99
CA SER A 455 0.21 -10.98 31.07
C SER A 455 -0.80 -9.96 30.58
N TYR A 456 -1.93 -9.89 31.28
CA TYR A 456 -2.93 -8.89 30.96
C TYR A 456 -2.47 -7.50 31.40
N GLU A 457 -1.74 -7.43 32.52
CA GLU A 457 -1.24 -6.15 33.00
C GLU A 457 -0.24 -5.55 32.02
N GLN A 458 0.48 -6.40 31.29
CA GLN A 458 1.36 -5.91 30.23
C GLN A 458 0.57 -5.23 29.13
N ILE A 459 -0.56 -5.82 28.73
CA ILE A 459 -1.39 -5.23 27.69
C ILE A 459 -1.84 -3.84 28.10
N VAL A 460 -2.36 -3.72 29.32
CA VAL A 460 -2.87 -2.43 29.79
C VAL A 460 -1.76 -1.38 29.77
N GLN A 461 -0.56 -1.76 30.19
CA GLN A 461 0.52 -0.79 30.33
C GLN A 461 1.01 -0.29 28.98
N VAL A 462 1.19 -1.18 28.00
CA VAL A 462 1.68 -0.75 26.70
C VAL A 462 0.65 0.16 26.03
N LEU A 463 -0.64 -0.18 26.17
CA LEU A 463 -1.68 0.67 25.59
C LEU A 463 -1.77 2.00 26.32
N ASP A 464 -1.64 2.00 27.65
CA ASP A 464 -1.66 3.24 28.41
C ASP A 464 -0.58 4.20 27.91
N GLU A 465 0.67 3.71 27.80
CA GLU A 465 1.75 4.60 27.38
C GLU A 465 1.54 5.08 25.95
N ILE A 466 1.02 4.21 25.08
CA ILE A 466 0.74 4.63 23.71
C ILE A 466 -0.34 5.71 23.69
N PHE A 467 -1.45 5.46 24.39
CA PHE A 467 -2.54 6.44 24.41
C PHE A 467 -2.10 7.76 25.05
N ASN A 468 -1.11 7.71 25.93
CA ASN A 468 -0.69 8.91 26.66
C ASN A 468 0.31 9.76 25.90
N LEU A 469 0.79 9.31 24.74
CA LEU A 469 1.70 10.12 23.96
C LEU A 469 1.01 11.41 23.54
N PRO A 470 1.70 12.56 23.57
CA PRO A 470 1.01 13.83 23.29
C PRO A 470 0.27 13.85 21.97
N PHE A 471 0.85 13.30 20.91
CA PHE A 471 0.23 13.33 19.59
C PHE A 471 -0.91 12.32 19.44
N ASN A 472 -1.29 11.62 20.51
CA ASN A 472 -2.42 10.71 20.49
C ASN A 472 -3.59 11.23 21.33
N GLU A 473 -3.64 12.53 21.59
CA GLU A 473 -4.74 13.11 22.36
C GLU A 473 -6.08 12.78 21.72
N GLU A 474 -6.17 12.93 20.39
CA GLU A 474 -7.42 12.65 19.69
C GLU A 474 -7.79 11.18 19.81
N LEU A 475 -6.82 10.29 19.55
CA LEU A 475 -7.06 8.87 19.72
C LEU A 475 -7.51 8.55 21.14
N ARG A 476 -6.90 9.19 22.13
CA ARG A 476 -7.24 8.92 23.53
C ARG A 476 -8.69 9.29 23.81
N ARG A 477 -9.11 10.50 23.41
CA ARG A 477 -10.49 10.92 23.62
C ARG A 477 -11.47 10.02 22.87
N TYR A 478 -11.04 9.46 21.74
CA TYR A 478 -11.92 8.58 20.96
C TYR A 478 -12.31 7.34 21.75
N TYR A 479 -11.34 6.72 22.43
CA TYR A 479 -11.57 5.49 23.17
C TYR A 479 -11.90 5.73 24.64
N LYS A 480 -12.20 6.96 25.04
CA LYS A 480 -12.54 7.26 26.42
C LYS A 480 -14.04 7.11 26.66
PA NAI B . 4.26 10.93 3.12
O1A NAI B . 4.33 11.57 4.49
O2A NAI B . 5.49 11.32 2.32
O5B NAI B . 2.91 11.44 2.32
C5B NAI B . 1.75 11.70 3.09
C4B NAI B . 1.20 13.10 2.70
O4B NAI B . -0.05 13.16 3.06
C3B NAI B . 1.94 14.21 3.48
O3B NAI B . 2.34 15.21 2.67
C2B NAI B . 0.88 14.70 4.49
O2B NAI B . 1.14 16.13 4.86
C1B NAI B . -0.19 14.61 3.75
N9A NAI B . -1.51 14.75 4.38
C8A NAI B . -1.41 14.39 5.67
N7A NAI B . -2.61 14.54 6.23
C5A NAI B . -3.46 14.98 5.29
C6A NAI B . -4.81 15.30 5.31
N6A NAI B . -5.91 15.31 6.27
N1A NAI B . -5.40 15.73 4.20
C2A NAI B . -4.68 15.85 3.06
N3A NAI B . -3.37 15.55 3.04
C4A NAI B . -2.77 15.11 4.15
O3 NAI B . 4.17 9.28 3.29
PN NAI B . 4.24 8.23 2.01
O1N NAI B . 5.55 7.47 2.08
O2N NAI B . 4.16 8.99 0.71
O5D NAI B . 2.98 7.17 2.07
C5D NAI B . 1.67 7.69 2.00
C4D NAI B . 0.69 6.59 2.36
O4D NAI B . 0.79 5.43 1.22
C3D NAI B . 1.02 6.05 3.51
O3D NAI B . -0.20 5.81 4.34
C2D NAI B . 1.69 4.69 3.15
O2D NAI B . 1.47 3.78 4.13
C1D NAI B . 0.95 4.31 1.86
N1N NAI B . 1.73 3.34 1.03
C2N NAI B . 1.08 2.16 0.53
C3N NAI B . 1.61 1.47 -0.68
C7N NAI B . 0.64 0.99 -1.78
O7N NAI B . 1.05 0.56 -2.81
N7N NAI B . -0.80 1.08 -1.56
C4N NAI B . 3.11 1.39 -0.89
C5N NAI B . 3.85 2.59 -0.28
C6N NAI B . 3.14 3.56 0.71
H51A NAI B . 1.98 11.69 4.03
H52A NAI B . 1.08 11.02 2.92
H4B NAI B . 1.29 13.24 1.74
H3B NAI B . 2.69 13.83 3.96
HO3A NAI B . 2.88 14.91 2.10
H2B NAI B . 0.83 14.13 5.27
HO2A NAI B . 1.37 16.58 4.17
H1B NAI B . -0.13 15.28 3.06
H8A NAI B . -0.99 14.09 6.44
H61A NAI B . -6.32 14.57 6.46
H62A NAI B . -6.13 16.04 6.66
H2A NAI B . -5.04 16.14 2.25
H51N NAI B . 1.58 8.42 2.63
H52N NAI B . 1.49 8.01 1.10
H4D NAI B . -0.21 6.93 2.40
H3D NAI B . 1.65 6.61 3.97
HO3N NAI B . -0.02 5.99 5.15
H2D NAI B . 2.63 4.81 2.99
HO2N NAI B . 2.21 3.59 4.51
H1D NAI B . 0.09 3.93 2.08
H2N NAI B . 0.30 1.85 0.95
H71N NAI B . -1.35 0.83 -2.17
H72N NAI B . -1.10 1.40 -0.82
H4N NAI B . 3.29 1.36 -1.85
H42N NAI B . 3.44 0.57 -0.48
H5N NAI B . 4.75 2.75 -0.51
H6N NAI B . 3.62 4.20 1.17
#